data_6Y6G
#
_entry.id   6Y6G
#
_cell.length_a   104.270
_cell.length_b   104.270
_cell.length_c   88.440
_cell.angle_alpha   90.000
_cell.angle_beta   90.000
_cell.angle_gamma   90.000
#
_symmetry.space_group_name_H-M   'P 43 21 2'
#
loop_
_entity.id
_entity.type
_entity.pdbx_description
1 polymer 'Lipopolysaccharide 1,6-galactosyltransferase'
2 water water
#
_entity_poly.entity_id   1
_entity_poly.type   'polypeptide(L)'
_entity_poly.pdbx_seq_one_letter_code
;MKIAFIGEAVSGFGGMETVISNVIHTFENSSPKINCEMFFFCRNDKMDKAWLKEIKYAQSFSNIKLSFLRRAKHVYNFSQ
WLKETSPDIVICIDVISCLYANKARKKSGKHFTIFSWPHFSLDHKKHAECITYADYHLAISSGIKEQIMARGISAQDISV
VYNPVSIKTVIVPPPERDKPAVFLYVGRLKFEGQKRVKDLFDGLARTTGEWQLHIIGDGSDFEKCQAYSRELGIEQRVIW
YGWQSAPWQVVQQKIKNVTALLLTSAFEGFPMTLLEAMSYGIPCISSDCMSGPRDMIKPGLNGELYTPGAIDDFVGHLNR
VISGEVKYQHDIIPGTIERFYDVLYFKNFNNAIFSKLQK
;
_entity_poly.pdbx_strand_id   A
#
# COMPACT_ATOMS: atom_id res chain seq x y z
N MET A 1 -11.45 26.72 1.36
CA MET A 1 -11.88 25.36 1.80
C MET A 1 -10.87 24.82 2.83
N LYS A 2 -11.35 24.07 3.83
CA LYS A 2 -10.52 23.39 4.86
C LYS A 2 -10.84 21.90 4.85
N ILE A 3 -9.80 21.05 4.81
CA ILE A 3 -9.91 19.56 4.81
C ILE A 3 -9.36 19.03 6.13
N ALA A 4 -10.14 18.19 6.84
CA ALA A 4 -9.72 17.46 8.05
C ALA A 4 -9.42 16.01 7.67
N PHE A 5 -8.20 15.54 7.95
CA PHE A 5 -7.77 14.12 7.78
C PHE A 5 -7.78 13.46 9.16
N ILE A 6 -8.62 12.44 9.35
CA ILE A 6 -8.88 11.86 10.70
C ILE A 6 -8.67 10.34 10.64
N GLY A 7 -8.31 9.75 11.79
CA GLY A 7 -8.00 8.31 11.90
C GLY A 7 -7.64 7.91 13.31
N GLU A 8 -7.66 6.62 13.59
CA GLU A 8 -7.07 6.02 14.82
C GLU A 8 -5.57 6.30 14.81
N ALA A 9 -4.97 6.44 16.00
CA ALA A 9 -3.52 6.63 16.18
C ALA A 9 -2.77 5.51 15.44
N VAL A 10 -1.68 5.87 14.75
CA VAL A 10 -0.79 4.94 13.99
C VAL A 10 0.61 5.01 14.61
N SER A 11 1.51 4.09 14.23
CA SER A 11 2.89 4.00 14.76
C SER A 11 3.62 5.32 14.49
N GLY A 12 3.45 5.88 13.28
CA GLY A 12 4.11 7.11 12.81
C GLY A 12 5.29 6.82 11.89
N PHE A 13 5.50 5.55 11.49
CA PHE A 13 6.67 5.08 10.72
C PHE A 13 6.25 4.36 9.42
N GLY A 14 4.94 4.15 9.18
CA GLY A 14 4.41 3.44 8.00
C GLY A 14 4.46 4.29 6.74
N GLY A 15 4.19 3.67 5.58
CA GLY A 15 4.08 4.31 4.26
C GLY A 15 2.85 5.16 4.18
N MET A 16 1.79 4.73 4.86
CA MET A 16 0.50 5.45 4.86
C MET A 16 0.73 6.87 5.37
N GLU A 17 1.46 6.96 6.48
CA GLU A 17 1.75 8.24 7.12
C GLU A 17 2.43 9.17 6.13
N THR A 18 3.41 8.61 5.44
CA THR A 18 4.24 9.32 4.45
C THR A 18 3.36 9.88 3.34
N VAL A 19 2.44 9.04 2.89
CA VAL A 19 1.52 9.43 1.80
C VAL A 19 0.63 10.57 2.28
N ILE A 20 0.15 10.44 3.50
CA ILE A 20 -0.77 11.43 4.09
C ILE A 20 -0.06 12.78 4.14
N SER A 21 1.08 12.79 4.79
CA SER A 21 1.86 14.02 4.98
C SER A 21 2.10 14.64 3.62
N ASN A 22 2.46 13.81 2.65
CA ASN A 22 2.79 14.31 1.30
C ASN A 22 1.60 15.03 0.69
N VAL A 23 0.46 14.39 0.84
CA VAL A 23 -0.84 14.89 0.32
C VAL A 23 -1.14 16.24 0.95
N ILE A 24 -0.95 16.30 2.26
CA ILE A 24 -1.28 17.52 3.01
C ILE A 24 -0.37 18.64 2.50
N HIS A 25 0.90 18.30 2.33
CA HIS A 25 1.89 19.32 1.88
C HIS A 25 1.51 19.83 0.51
N THR A 26 1.06 18.93 -0.37
CA THR A 26 0.65 19.28 -1.73
C THR A 26 -0.59 20.19 -1.74
N PHE A 27 -1.48 19.90 -0.81
CA PHE A 27 -2.75 20.62 -0.69
C PHE A 27 -2.57 22.06 -0.21
N GLU A 28 -1.90 22.19 0.92
CA GLU A 28 -1.69 23.48 1.57
C GLU A 28 -0.76 24.32 0.68
N ASN A 29 -0.32 23.83 -0.49
CA ASN A 29 0.51 24.58 -1.47
C ASN A 29 -0.18 24.68 -2.85
N SER A 30 -1.44 24.27 -2.98
CA SER A 30 -2.22 24.28 -4.24
C SER A 30 -2.59 25.72 -4.62
N SER A 31 -3.46 26.35 -3.81
CA SER A 31 -3.84 27.79 -3.91
C SER A 31 -2.80 28.61 -3.17
N PRO A 32 -3.07 29.87 -2.75
CA PRO A 32 -2.34 30.47 -1.63
C PRO A 32 -2.24 29.47 -0.47
N LYS A 33 -3.35 28.79 -0.18
CA LYS A 33 -3.45 27.59 0.70
C LYS A 33 -4.85 26.98 0.55
N ILE A 34 -5.01 25.70 0.88
CA ILE A 34 -6.33 25.02 1.00
C ILE A 34 -6.58 24.65 2.47
N ASN A 35 -5.54 24.56 3.29
CA ASN A 35 -5.61 24.42 4.77
C ASN A 35 -6.05 23.00 5.13
N CYS A 36 -5.14 22.24 5.74
CA CYS A 36 -5.36 20.85 6.21
C CYS A 36 -5.01 20.76 7.69
N GLU A 37 -5.84 20.04 8.45
CA GLU A 37 -5.56 19.66 9.86
C GLU A 37 -5.81 18.16 10.00
N MET A 38 -5.32 17.56 11.08
CA MET A 38 -5.58 16.14 11.41
C MET A 38 -6.21 16.04 12.80
N PHE A 39 -6.97 14.96 13.01
CA PHE A 39 -7.56 14.58 14.32
C PHE A 39 -7.37 13.07 14.50
N PHE A 40 -6.79 12.67 15.63
CA PHE A 40 -6.48 11.25 15.93
C PHE A 40 -7.33 10.76 17.11
N PHE A 41 -7.82 9.52 17.00
CA PHE A 41 -8.51 8.77 18.07
C PHE A 41 -7.48 7.80 18.68
N CYS A 42 -7.13 8.00 19.95
CA CYS A 42 -5.96 7.39 20.61
C CYS A 42 -6.37 6.68 21.91
N ARG A 43 -5.76 5.52 22.20
CA ARG A 43 -5.84 4.82 23.50
C ARG A 43 -4.59 5.15 24.34
N ASN A 44 -3.62 5.83 23.74
CA ASN A 44 -2.31 6.22 24.36
C ASN A 44 -1.64 7.26 23.46
N ASP A 45 -0.47 7.78 23.86
CA ASP A 45 0.28 8.81 23.10
C ASP A 45 1.59 8.22 22.58
N LYS A 46 1.54 6.98 22.05
CA LYS A 46 2.73 6.23 21.57
C LYS A 46 3.14 6.70 20.17
N MET A 47 2.17 7.13 19.34
CA MET A 47 2.41 7.61 17.96
C MET A 47 3.58 8.59 17.97
N ASP A 48 4.59 8.34 17.12
CA ASP A 48 5.72 9.26 16.88
C ASP A 48 5.20 10.46 16.07
N LYS A 49 5.62 11.68 16.42
CA LYS A 49 5.08 12.94 15.86
C LYS A 49 6.00 13.52 14.78
N ALA A 50 7.13 12.85 14.49
CA ALA A 50 8.13 13.28 13.48
C ALA A 50 7.43 13.61 12.16
N TRP A 51 6.60 12.68 11.66
CA TRP A 51 5.88 12.77 10.36
C TRP A 51 4.87 13.94 10.38
N LEU A 52 4.46 14.41 11.57
CA LEU A 52 3.49 15.52 11.75
C LEU A 52 4.23 16.84 12.03
N LYS A 53 5.38 17.05 11.38
CA LYS A 53 6.30 18.20 11.64
C LYS A 53 5.56 19.52 11.40
N GLU A 54 5.11 19.76 10.16
CA GLU A 54 4.44 21.02 9.74
C GLU A 54 2.93 20.80 9.60
N ILE A 55 2.37 19.83 10.34
CA ILE A 55 0.94 19.42 10.27
C ILE A 55 0.25 19.84 11.58
N LYS A 56 -0.78 20.70 11.50
CA LYS A 56 -1.65 21.06 12.65
C LYS A 56 -2.59 19.89 12.95
N TYR A 57 -2.56 19.36 14.18
CA TYR A 57 -3.40 18.21 14.60
C TYR A 57 -3.83 18.35 16.06
N ALA A 58 -4.96 17.71 16.38
CA ALA A 58 -5.50 17.52 17.75
C ALA A 58 -5.72 16.02 17.98
N GLN A 59 -5.98 15.61 19.22
CA GLN A 59 -6.12 14.19 19.61
C GLN A 59 -7.28 14.03 20.60
N SER A 60 -8.03 12.92 20.45
CA SER A 60 -9.05 12.42 21.41
C SER A 60 -8.47 11.18 22.11
N PHE A 61 -8.27 11.25 23.43
CA PHE A 61 -7.70 10.16 24.25
C PHE A 61 -8.83 9.50 25.05
N SER A 62 -8.94 8.17 24.94
CA SER A 62 -9.81 7.32 25.80
C SER A 62 -9.21 5.92 25.89
N ASN A 63 -8.94 5.46 27.11
CA ASN A 63 -8.49 4.07 27.40
C ASN A 63 -9.51 3.40 28.33
N ILE A 64 -10.79 3.80 28.22
CA ILE A 64 -11.93 3.10 28.87
C ILE A 64 -12.03 1.72 28.21
N LYS A 65 -12.14 0.66 29.01
CA LYS A 65 -11.98 -0.75 28.55
C LYS A 65 -13.25 -1.20 27.79
N LEU A 66 -14.41 -0.64 28.10
CA LEU A 66 -15.68 -0.87 27.34
C LEU A 66 -15.63 -0.01 26.06
N SER A 67 -15.66 -0.66 24.89
CA SER A 67 -15.50 0.00 23.56
C SER A 67 -16.60 1.02 23.36
N PHE A 68 -17.79 0.73 23.88
CA PHE A 68 -18.96 1.60 23.68
C PHE A 68 -18.67 2.99 24.22
N LEU A 69 -18.16 2.99 25.45
CA LEU A 69 -17.82 4.24 26.17
C LEU A 69 -16.71 5.00 25.46
N ARG A 70 -15.73 4.26 24.97
CA ARG A 70 -14.57 4.80 24.26
C ARG A 70 -15.06 5.56 23.01
N ARG A 71 -15.88 4.87 22.27
CA ARG A 71 -16.42 5.41 21.01
C ARG A 71 -17.27 6.62 21.30
N ALA A 72 -18.05 6.57 22.37
CA ALA A 72 -18.89 7.71 22.79
C ALA A 72 -17.99 8.94 23.04
N LYS A 73 -16.91 8.70 23.77
CA LYS A 73 -15.96 9.74 24.13
C LYS A 73 -15.38 10.39 22.86
N HIS A 74 -15.01 9.50 21.95
CA HIS A 74 -14.34 9.88 20.69
C HIS A 74 -15.26 10.76 19.87
N VAL A 75 -16.50 10.33 19.77
CA VAL A 75 -17.53 11.06 18.99
C VAL A 75 -17.71 12.45 19.60
N TYR A 76 -17.77 12.51 20.92
CA TYR A 76 -17.96 13.76 21.65
C TYR A 76 -16.82 14.73 21.30
N ASN A 77 -15.61 14.23 21.49
CA ASN A 77 -14.40 15.06 21.33
C ASN A 77 -14.36 15.56 19.89
N PHE A 78 -14.66 14.68 18.95
CA PHE A 78 -14.58 15.10 17.53
C PHE A 78 -15.69 16.08 17.21
N SER A 79 -16.83 15.98 17.80
CA SER A 79 -17.91 16.97 17.65
C SER A 79 -17.43 18.33 18.13
N GLN A 80 -16.79 18.32 19.30
CA GLN A 80 -16.26 19.56 19.89
C GLN A 80 -15.26 20.21 18.91
N TRP A 81 -14.39 19.36 18.39
CA TRP A 81 -13.34 19.80 17.44
C TRP A 81 -13.97 20.42 16.20
N LEU A 82 -15.01 19.79 15.70
CA LEU A 82 -15.75 20.24 14.53
C LEU A 82 -16.33 21.62 14.79
N LYS A 83 -16.92 21.76 15.97
CA LYS A 83 -17.53 23.03 16.41
C LYS A 83 -16.47 24.13 16.40
N GLU A 84 -15.31 23.80 16.97
CA GLU A 84 -14.17 24.73 17.01
C GLU A 84 -13.68 25.16 15.61
N THR A 85 -13.50 24.17 14.71
CA THR A 85 -12.63 24.19 13.49
C THR A 85 -13.41 24.44 12.19
N SER A 86 -14.62 23.87 12.05
CA SER A 86 -15.53 24.02 10.88
C SER A 86 -14.84 23.60 9.58
N PRO A 87 -14.48 22.32 9.39
CA PRO A 87 -13.95 21.85 8.11
C PRO A 87 -15.04 21.71 7.04
N ASP A 88 -14.70 21.92 5.77
CA ASP A 88 -15.61 21.74 4.61
C ASP A 88 -15.65 20.25 4.23
N ILE A 89 -14.52 19.57 4.40
CA ILE A 89 -14.31 18.15 4.00
C ILE A 89 -13.67 17.41 5.18
N VAL A 90 -14.13 16.19 5.47
CA VAL A 90 -13.49 15.27 6.44
C VAL A 90 -13.13 14.00 5.67
N ILE A 91 -11.83 13.65 5.67
CA ILE A 91 -11.31 12.43 5.00
C ILE A 91 -10.84 11.47 6.09
N CYS A 92 -11.40 10.26 6.10
CA CYS A 92 -11.19 9.22 7.15
C CYS A 92 -10.20 8.19 6.62
N ILE A 93 -9.03 8.08 7.26
CA ILE A 93 -7.92 7.20 6.81
C ILE A 93 -8.18 5.75 7.26
N ASP A 94 -9.23 5.51 8.04
CA ASP A 94 -9.67 4.13 8.42
C ASP A 94 -11.20 4.09 8.53
N VAL A 95 -11.76 2.88 8.62
CA VAL A 95 -13.22 2.61 8.45
C VAL A 95 -14.00 3.09 9.70
N ILE A 96 -13.53 2.78 10.92
CA ILE A 96 -14.17 3.22 12.19
C ILE A 96 -14.32 4.74 12.17
N SER A 97 -13.30 5.40 11.63
CA SER A 97 -13.27 6.88 11.62
C SER A 97 -14.43 7.41 10.83
N CYS A 98 -14.93 6.71 9.82
CA CYS A 98 -16.11 7.14 9.07
C CYS A 98 -17.31 7.26 10.02
N LEU A 99 -17.46 6.26 10.88
CA LEU A 99 -18.54 6.20 11.86
C LEU A 99 -18.48 7.44 12.75
N TYR A 100 -17.26 7.69 13.23
CA TYR A 100 -16.98 8.80 14.15
C TYR A 100 -17.38 10.10 13.48
N ALA A 101 -16.98 10.24 12.23
CA ALA A 101 -17.21 11.48 11.46
C ALA A 101 -18.70 11.67 11.30
N ASN A 102 -19.42 10.59 11.03
CA ASN A 102 -20.86 10.71 10.71
C ASN A 102 -21.57 11.10 12.01
N LYS A 103 -21.28 10.41 13.08
CA LYS A 103 -22.01 10.68 14.33
C LYS A 103 -21.71 12.11 14.78
N ALA A 104 -20.45 12.46 14.70
CA ALA A 104 -19.97 13.79 15.12
C ALA A 104 -20.67 14.85 14.28
N ARG A 105 -20.89 14.62 13.01
CA ARG A 105 -21.58 15.60 12.17
C ARG A 105 -22.97 15.86 12.72
N LYS A 106 -23.67 14.78 13.08
CA LYS A 106 -25.03 14.86 13.62
C LYS A 106 -25.04 15.59 14.96
N LYS A 107 -24.04 15.29 15.77
CA LYS A 107 -23.90 15.86 17.11
C LYS A 107 -23.63 17.38 17.07
N SER A 108 -22.65 17.75 16.24
CA SER A 108 -22.02 19.10 16.15
C SER A 108 -22.96 20.08 15.43
N GLY A 109 -23.82 19.58 14.54
CA GLY A 109 -24.70 20.42 13.68
C GLY A 109 -23.92 21.09 12.57
N LYS A 110 -22.65 20.71 12.36
CA LYS A 110 -21.77 21.30 11.31
C LYS A 110 -22.03 20.57 9.99
N HIS A 111 -21.94 21.29 8.87
CA HIS A 111 -22.15 20.77 7.50
C HIS A 111 -20.78 20.58 6.84
N PHE A 112 -20.51 19.35 6.39
CA PHE A 112 -19.29 18.97 5.64
C PHE A 112 -19.53 17.64 4.93
N THR A 113 -18.70 17.34 3.93
CA THR A 113 -18.73 16.06 3.18
C THR A 113 -17.72 15.10 3.80
N ILE A 114 -18.11 13.85 4.00
CA ILE A 114 -17.23 12.78 4.57
C ILE A 114 -16.77 11.88 3.43
N PHE A 115 -15.45 11.74 3.27
CA PHE A 115 -14.81 10.80 2.33
C PHE A 115 -14.14 9.69 3.14
N SER A 116 -14.32 8.44 2.73
CA SER A 116 -13.51 7.30 3.21
C SER A 116 -12.20 7.29 2.40
N TRP A 117 -11.11 6.87 3.03
CA TRP A 117 -9.79 6.70 2.37
C TRP A 117 -9.03 5.61 3.12
N PRO A 118 -9.55 4.36 3.13
CA PRO A 118 -8.90 3.27 3.86
C PRO A 118 -7.61 2.83 3.15
N HIS A 119 -6.67 2.30 3.93
CA HIS A 119 -5.32 1.90 3.45
C HIS A 119 -5.13 0.39 3.63
N PHE A 120 -6.22 -0.35 3.78
CA PHE A 120 -6.18 -1.84 3.90
C PHE A 120 -7.51 -2.44 3.44
N SER A 121 -7.44 -3.58 2.76
CA SER A 121 -8.58 -4.48 2.43
C SER A 121 -9.58 -4.48 3.59
N LEU A 122 -10.84 -4.14 3.30
CA LEU A 122 -11.94 -4.13 4.29
C LEU A 122 -12.11 -5.53 4.90
N ASP A 123 -11.92 -6.58 4.09
CA ASP A 123 -12.16 -8.00 4.48
C ASP A 123 -11.06 -8.51 5.43
N HIS A 124 -9.94 -7.80 5.57
CA HIS A 124 -8.75 -8.26 6.34
C HIS A 124 -8.53 -7.37 7.58
N LYS A 125 -9.45 -6.45 7.85
CA LYS A 125 -9.39 -5.49 8.99
C LYS A 125 -10.78 -5.45 9.64
N LYS A 126 -10.85 -5.06 10.92
CA LYS A 126 -12.11 -4.95 11.69
C LYS A 126 -12.93 -3.74 11.19
N HIS A 127 -14.23 -3.73 11.48
CA HIS A 127 -15.16 -2.56 11.35
C HIS A 127 -15.44 -2.20 9.88
N ALA A 128 -15.42 -3.19 8.97
CA ALA A 128 -15.63 -2.97 7.52
C ALA A 128 -16.97 -2.27 7.27
N GLU A 129 -18.03 -2.64 8.01
CA GLU A 129 -19.42 -2.14 7.74
C GLU A 129 -19.53 -0.64 8.05
N CYS A 130 -18.59 -0.09 8.83
CA CYS A 130 -18.54 1.36 9.17
C CYS A 130 -18.24 2.21 7.92
N ILE A 131 -17.76 1.60 6.83
CA ILE A 131 -17.46 2.29 5.54
C ILE A 131 -18.72 3.02 5.06
N THR A 132 -19.91 2.47 5.34
CA THR A 132 -21.22 2.96 4.85
C THR A 132 -21.57 4.33 5.45
N TYR A 133 -20.86 4.78 6.50
CA TYR A 133 -21.12 6.07 7.20
C TYR A 133 -20.49 7.26 6.45
N ALA A 134 -19.61 7.01 5.49
CA ALA A 134 -19.01 8.05 4.62
C ALA A 134 -20.00 8.41 3.51
N ASP A 135 -19.90 9.63 2.97
CA ASP A 135 -20.73 10.11 1.84
C ASP A 135 -20.16 9.55 0.53
N TYR A 136 -18.84 9.69 0.36
CA TYR A 136 -18.09 9.28 -0.86
C TYR A 136 -16.83 8.54 -0.43
N HIS A 137 -16.17 7.89 -1.40
CA HIS A 137 -15.08 6.92 -1.13
C HIS A 137 -13.90 7.19 -2.06
N LEU A 138 -12.70 7.13 -1.49
CA LEU A 138 -11.41 7.24 -2.20
C LEU A 138 -10.71 5.89 -2.06
N ALA A 139 -10.77 5.06 -3.10
CA ALA A 139 -10.28 3.66 -3.13
C ALA A 139 -8.83 3.64 -3.64
N ILE A 140 -7.89 3.11 -2.85
CA ILE A 140 -6.46 3.01 -3.23
C ILE A 140 -6.27 1.82 -4.19
N SER A 141 -7.30 0.99 -4.38
CA SER A 141 -7.26 -0.18 -5.29
C SER A 141 -8.66 -0.50 -5.82
N SER A 142 -8.73 -1.24 -6.94
CA SER A 142 -9.97 -1.80 -7.51
C SER A 142 -10.58 -2.79 -6.54
N GLY A 143 -9.75 -3.53 -5.81
CA GLY A 143 -10.27 -4.51 -4.85
C GLY A 143 -11.04 -3.80 -3.75
N ILE A 144 -10.48 -2.70 -3.28
CA ILE A 144 -11.12 -1.89 -2.22
C ILE A 144 -12.47 -1.38 -2.72
N LYS A 145 -12.48 -0.92 -3.96
CA LYS A 145 -13.71 -0.40 -4.59
C LYS A 145 -14.78 -1.49 -4.61
N GLU A 146 -14.36 -2.68 -5.02
CA GLU A 146 -15.24 -3.85 -5.10
C GLU A 146 -15.86 -4.13 -3.73
N GLN A 147 -14.98 -4.12 -2.72
CA GLN A 147 -15.36 -4.38 -1.33
C GLN A 147 -16.43 -3.39 -0.91
N ILE A 148 -16.19 -2.13 -1.24
CA ILE A 148 -17.09 -1.03 -0.89
C ILE A 148 -18.47 -1.24 -1.55
N MET A 149 -18.42 -1.60 -2.82
CA MET A 149 -19.63 -1.83 -3.62
C MET A 149 -20.44 -2.96 -3.03
N ALA A 150 -19.73 -3.97 -2.49
CA ALA A 150 -20.41 -5.17 -1.97
C ALA A 150 -21.28 -4.77 -0.77
N ARG A 151 -21.00 -3.63 -0.12
CA ARG A 151 -21.78 -3.19 1.07
C ARG A 151 -22.91 -2.23 0.65
N GLY A 152 -23.17 -2.14 -0.67
CA GLY A 152 -24.36 -1.46 -1.23
C GLY A 152 -24.05 -0.08 -1.80
N ILE A 153 -22.80 0.34 -1.79
CA ILE A 153 -22.37 1.69 -2.27
C ILE A 153 -22.32 1.68 -3.80
N SER A 154 -22.92 2.71 -4.42
CA SER A 154 -22.89 2.93 -5.89
C SER A 154 -21.45 3.17 -6.36
N ALA A 155 -21.08 2.60 -7.52
CA ALA A 155 -19.76 2.79 -8.16
C ALA A 155 -19.51 4.29 -8.41
N GLN A 156 -20.57 5.06 -8.66
CA GLN A 156 -20.50 6.52 -8.96
C GLN A 156 -20.01 7.30 -7.72
N ASP A 157 -20.12 6.74 -6.51
CA ASP A 157 -19.74 7.40 -5.24
C ASP A 157 -18.32 6.96 -4.80
N ILE A 158 -17.65 6.13 -5.60
CA ILE A 158 -16.28 5.60 -5.30
C ILE A 158 -15.35 6.01 -6.45
N SER A 159 -14.28 6.73 -6.12
CA SER A 159 -13.17 7.08 -7.06
C SER A 159 -11.96 6.22 -6.70
N VAL A 160 -11.40 5.52 -7.68
CA VAL A 160 -10.10 4.79 -7.50
C VAL A 160 -8.98 5.82 -7.68
N VAL A 161 -8.26 6.12 -6.59
CA VAL A 161 -7.19 7.16 -6.55
C VAL A 161 -5.82 6.51 -6.51
N TYR A 162 -5.75 5.19 -6.29
CA TYR A 162 -4.47 4.42 -6.21
C TYR A 162 -3.63 5.02 -5.07
N ASN A 163 -2.30 5.07 -5.25
CA ASN A 163 -1.32 5.59 -4.26
C ASN A 163 -0.13 6.15 -5.04
N PRO A 164 0.62 7.12 -4.47
CA PRO A 164 1.71 7.76 -5.20
C PRO A 164 3.06 7.03 -5.10
N VAL A 165 3.89 7.20 -6.12
CA VAL A 165 5.33 6.77 -6.13
C VAL A 165 6.12 7.84 -6.88
N SER A 166 7.41 8.00 -6.56
CA SER A 166 8.28 9.05 -7.15
C SER A 166 8.79 8.57 -8.51
N ILE A 167 8.84 9.49 -9.49
CA ILE A 167 9.56 9.30 -10.79
C ILE A 167 11.04 9.06 -10.48
N LYS A 168 11.63 8.02 -11.09
CA LYS A 168 13.07 7.70 -10.94
C LYS A 168 13.81 8.08 -12.23
N THR A 169 15.09 8.40 -12.12
CA THR A 169 15.95 8.86 -13.24
C THR A 169 17.02 7.81 -13.55
N VAL A 170 16.88 6.61 -12.98
CA VAL A 170 17.77 5.44 -13.25
C VAL A 170 16.90 4.23 -13.55
N ILE A 171 17.38 3.34 -14.42
CA ILE A 171 16.76 2.03 -14.77
C ILE A 171 17.66 0.92 -14.23
N VAL A 172 17.09 -0.01 -13.47
CA VAL A 172 17.78 -1.27 -13.09
C VAL A 172 17.65 -2.22 -14.27
N PRO A 173 18.76 -2.53 -14.98
CA PRO A 173 18.68 -3.36 -16.19
C PRO A 173 18.57 -4.84 -15.87
N PRO A 174 18.20 -5.70 -16.84
CA PRO A 174 18.22 -7.14 -16.64
C PRO A 174 19.68 -7.64 -16.63
N PRO A 175 19.94 -8.88 -16.16
CA PRO A 175 21.26 -9.48 -16.29
C PRO A 175 21.68 -9.55 -17.77
N GLU A 176 22.99 -9.50 -18.02
CA GLU A 176 23.56 -9.60 -19.39
C GLU A 176 23.26 -10.99 -19.94
N ARG A 177 23.37 -11.16 -21.27
CA ARG A 177 23.13 -12.44 -21.99
C ARG A 177 23.97 -13.54 -21.33
N ASP A 178 23.35 -14.68 -21.03
CA ASP A 178 24.02 -15.92 -20.56
C ASP A 178 24.52 -15.77 -19.12
N LYS A 179 24.06 -14.74 -18.39
CA LYS A 179 24.20 -14.66 -16.92
C LYS A 179 22.96 -15.31 -16.31
N PRO A 180 23.03 -15.90 -15.09
CA PRO A 180 21.85 -16.44 -14.42
C PRO A 180 20.76 -15.36 -14.25
N ALA A 181 19.49 -15.75 -14.31
CA ALA A 181 18.34 -14.89 -13.93
C ALA A 181 18.55 -14.43 -12.48
N VAL A 182 18.22 -13.18 -12.18
CA VAL A 182 18.36 -12.59 -10.82
C VAL A 182 16.97 -12.18 -10.34
N PHE A 183 16.43 -12.88 -9.34
CA PHE A 183 15.12 -12.57 -8.72
C PHE A 183 15.35 -11.80 -7.42
N LEU A 184 14.39 -10.94 -7.11
CA LEU A 184 14.42 -10.02 -5.97
C LEU A 184 13.14 -10.24 -5.15
N TYR A 185 13.29 -10.38 -3.84
CA TYR A 185 12.19 -10.29 -2.85
C TYR A 185 12.51 -9.19 -1.86
N VAL A 186 11.61 -8.22 -1.73
CA VAL A 186 11.73 -7.09 -0.76
C VAL A 186 10.49 -7.11 0.13
N GLY A 187 10.68 -7.38 1.43
CA GLY A 187 9.62 -7.26 2.44
C GLY A 187 9.88 -8.10 3.67
N ARG A 188 9.07 -7.89 4.71
CA ARG A 188 9.06 -8.67 5.97
C ARG A 188 8.88 -10.15 5.61
N LEU A 189 9.67 -11.03 6.23
CA LEU A 189 9.64 -12.49 5.99
C LEU A 189 8.53 -13.14 6.84
N LYS A 190 7.56 -13.76 6.20
CA LYS A 190 6.59 -14.70 6.82
C LYS A 190 6.54 -15.96 5.96
N PHE A 191 6.80 -17.14 6.56
CA PHE A 191 6.92 -18.42 5.83
C PHE A 191 5.59 -18.74 5.15
N GLU A 192 4.50 -18.71 5.92
CA GLU A 192 3.12 -18.84 5.42
C GLU A 192 2.40 -17.53 5.74
N GLY A 193 1.28 -17.56 6.48
CA GLY A 193 0.51 -16.36 6.84
C GLY A 193 0.28 -15.46 5.64
N GLN A 194 0.56 -14.16 5.79
CA GLN A 194 0.27 -13.14 4.74
C GLN A 194 1.22 -13.28 3.55
N LYS A 195 2.51 -13.55 3.78
CA LYS A 195 3.59 -13.34 2.76
C LYS A 195 3.88 -14.61 1.96
N ARG A 196 3.75 -15.79 2.58
CA ARG A 196 3.91 -17.10 1.90
C ARG A 196 5.24 -17.16 1.11
N VAL A 197 6.36 -16.80 1.75
CA VAL A 197 7.74 -17.09 1.29
C VAL A 197 7.88 -18.54 0.92
N LYS A 198 7.10 -19.41 1.56
CA LYS A 198 7.11 -20.85 1.24
C LYS A 198 6.75 -21.04 -0.22
N ASP A 199 5.74 -20.32 -0.67
CA ASP A 199 5.29 -20.44 -2.08
C ASP A 199 6.38 -19.98 -3.04
N LEU A 200 7.04 -18.90 -2.68
CA LEU A 200 8.15 -18.33 -3.45
C LEU A 200 9.21 -19.42 -3.60
N PHE A 201 9.54 -20.05 -2.47
CA PHE A 201 10.62 -21.05 -2.47
C PHE A 201 10.21 -22.23 -3.35
N ASP A 202 8.98 -22.67 -3.21
CA ASP A 202 8.53 -23.90 -3.89
C ASP A 202 8.56 -23.63 -5.38
N GLY A 203 8.06 -22.47 -5.80
CA GLY A 203 7.99 -22.17 -7.23
C GLY A 203 9.41 -22.08 -7.76
N LEU A 204 10.31 -21.44 -6.99
CA LEU A 204 11.67 -21.29 -7.57
C LEU A 204 12.33 -22.65 -7.65
N ALA A 205 12.05 -23.56 -6.73
CA ALA A 205 12.70 -24.87 -6.80
C ALA A 205 12.21 -25.63 -8.00
N ARG A 206 11.02 -25.35 -8.50
CA ARG A 206 10.40 -26.09 -9.59
C ARG A 206 10.85 -25.51 -10.93
N THR A 207 11.56 -24.38 -10.99
CA THR A 207 11.82 -23.67 -12.27
C THR A 207 12.93 -24.39 -13.05
N THR A 208 12.90 -24.19 -14.37
CA THR A 208 13.94 -24.63 -15.32
C THR A 208 14.86 -23.44 -15.59
N GLY A 209 16.18 -23.66 -15.56
CA GLY A 209 17.19 -22.65 -15.92
C GLY A 209 17.92 -22.13 -14.70
N GLU A 210 19.01 -21.40 -14.93
CA GLU A 210 19.92 -20.90 -13.88
C GLU A 210 19.33 -19.61 -13.30
N TRP A 211 19.20 -19.55 -11.97
CA TRP A 211 18.64 -18.37 -11.27
C TRP A 211 19.33 -18.18 -9.92
N GLN A 212 19.19 -16.97 -9.40
CA GLN A 212 19.70 -16.53 -8.09
C GLN A 212 18.59 -15.68 -7.48
N LEU A 213 18.33 -15.81 -6.18
CA LEU A 213 17.29 -15.02 -5.46
C LEU A 213 17.97 -14.16 -4.39
N HIS A 214 17.68 -12.85 -4.41
CA HIS A 214 18.18 -11.85 -3.43
C HIS A 214 17.00 -11.44 -2.55
N ILE A 215 17.08 -11.72 -1.24
CA ILE A 215 16.00 -11.45 -0.25
C ILE A 215 16.43 -10.31 0.66
N ILE A 216 15.74 -9.18 0.55
CA ILE A 216 15.94 -7.98 1.43
C ILE A 216 14.75 -7.91 2.39
N GLY A 217 15.03 -8.12 3.67
CA GLY A 217 14.02 -8.12 4.75
C GLY A 217 14.35 -9.17 5.79
N ASP A 218 13.62 -9.18 6.91
CA ASP A 218 13.76 -10.23 7.95
C ASP A 218 12.41 -10.35 8.70
N GLY A 219 12.43 -11.07 9.81
CA GLY A 219 11.25 -11.43 10.61
C GLY A 219 11.52 -12.69 11.41
N SER A 220 10.60 -13.03 12.32
CA SER A 220 10.67 -14.22 13.21
C SER A 220 10.90 -15.49 12.38
N ASP A 221 10.37 -15.55 11.15
CA ASP A 221 10.36 -16.78 10.30
C ASP A 221 11.66 -16.92 9.50
N PHE A 222 12.65 -16.04 9.69
CA PHE A 222 13.92 -16.02 8.93
C PHE A 222 14.57 -17.42 8.96
N GLU A 223 14.71 -17.92 10.18
CA GLU A 223 15.36 -19.21 10.41
C GLU A 223 14.60 -20.31 9.70
N LYS A 224 13.28 -20.25 9.84
CA LYS A 224 12.38 -21.26 9.22
C LYS A 224 12.57 -21.23 7.71
N CYS A 225 12.61 -20.03 7.16
CA CYS A 225 12.78 -19.81 5.72
C CYS A 225 14.09 -20.45 5.25
N GLN A 226 15.14 -20.19 6.02
CA GLN A 226 16.48 -20.70 5.73
C GLN A 226 16.44 -22.23 5.68
N ALA A 227 15.79 -22.79 6.69
CA ALA A 227 15.66 -24.25 6.85
C ALA A 227 14.97 -24.83 5.61
N TYR A 228 13.90 -24.17 5.23
CA TYR A 228 13.08 -24.59 4.08
C TYR A 228 13.93 -24.59 2.82
N SER A 229 14.71 -23.54 2.66
CA SER A 229 15.62 -23.38 1.50
C SER A 229 16.57 -24.58 1.44
N ARG A 230 17.15 -24.89 2.59
CA ARG A 230 18.10 -26.00 2.72
C ARG A 230 17.45 -27.31 2.32
N GLU A 231 16.24 -27.50 2.82
CA GLU A 231 15.43 -28.70 2.55
C GLU A 231 15.23 -28.85 1.04
N LEU A 232 14.87 -27.73 0.41
CA LEU A 232 14.60 -27.67 -1.03
C LEU A 232 15.90 -27.81 -1.84
N GLY A 233 17.07 -27.64 -1.22
CA GLY A 233 18.38 -27.71 -1.91
C GLY A 233 18.61 -26.51 -2.81
N ILE A 234 18.05 -25.35 -2.45
CA ILE A 234 18.21 -24.08 -3.22
C ILE A 234 19.08 -23.10 -2.42
N GLU A 235 19.65 -23.52 -1.28
CA GLU A 235 20.32 -22.61 -0.31
C GLU A 235 21.45 -21.82 -1.01
N GLN A 236 22.16 -22.44 -1.96
CA GLN A 236 23.34 -21.83 -2.63
C GLN A 236 22.90 -20.74 -3.62
N ARG A 237 21.62 -20.72 -4.01
CA ARG A 237 21.07 -19.76 -5.00
C ARG A 237 20.39 -18.58 -4.29
N VAL A 238 20.29 -18.60 -2.96
CA VAL A 238 19.58 -17.55 -2.18
C VAL A 238 20.62 -16.71 -1.43
N ILE A 239 20.53 -15.38 -1.57
CA ILE A 239 21.39 -14.39 -0.86
C ILE A 239 20.49 -13.58 0.07
N TRP A 240 20.80 -13.59 1.37
CA TRP A 240 20.01 -12.94 2.45
C TRP A 240 20.70 -11.64 2.88
N TYR A 241 19.98 -10.52 2.84
CA TYR A 241 20.53 -9.17 3.19
C TYR A 241 20.02 -8.73 4.58
N GLY A 242 19.05 -9.45 5.15
CA GLY A 242 18.36 -9.04 6.39
C GLY A 242 17.61 -7.74 6.17
N TRP A 243 17.29 -7.04 7.26
CA TRP A 243 16.61 -5.72 7.22
C TRP A 243 17.54 -4.68 6.59
N GLN A 244 17.01 -3.84 5.71
CA GLN A 244 17.77 -2.75 5.03
C GLN A 244 16.91 -1.49 5.04
N SER A 245 17.46 -0.37 5.52
CA SER A 245 16.81 0.96 5.58
C SER A 245 16.50 1.46 4.16
N ALA A 246 17.37 1.17 3.19
CA ALA A 246 17.29 1.61 1.77
C ALA A 246 17.46 0.43 0.83
N PRO A 247 16.41 -0.38 0.59
CA PRO A 247 16.50 -1.61 -0.20
C PRO A 247 16.93 -1.28 -1.62
N TRP A 248 16.44 -0.16 -2.15
CA TRP A 248 16.73 0.21 -3.54
C TRP A 248 18.16 0.67 -3.68
N GLN A 249 18.77 1.19 -2.62
CA GLN A 249 20.22 1.50 -2.68
C GLN A 249 21.00 0.21 -2.76
N VAL A 250 20.60 -0.79 -1.98
CA VAL A 250 21.24 -2.11 -1.99
C VAL A 250 21.15 -2.71 -3.39
N VAL A 251 19.96 -2.59 -3.96
CA VAL A 251 19.66 -3.15 -5.29
C VAL A 251 20.60 -2.49 -6.31
N GLN A 252 20.72 -1.17 -6.21
CA GLN A 252 21.55 -0.43 -7.17
C GLN A 252 23.03 -0.80 -7.00
N GLN A 253 23.52 -0.78 -5.76
CA GLN A 253 24.97 -0.80 -5.42
C GLN A 253 25.51 -2.23 -5.42
N LYS A 254 24.73 -3.22 -4.96
CA LYS A 254 25.21 -4.60 -4.68
C LYS A 254 24.68 -5.57 -5.75
N ILE A 255 23.41 -5.47 -6.14
CA ILE A 255 22.75 -6.48 -7.03
C ILE A 255 22.94 -6.05 -8.50
N LYS A 256 22.62 -4.80 -8.84
CA LYS A 256 23.00 -4.09 -10.09
C LYS A 256 22.09 -4.51 -11.26
N ASN A 257 21.83 -5.81 -11.43
CA ASN A 257 20.98 -6.37 -12.52
C ASN A 257 19.91 -7.26 -11.91
N VAL A 258 18.65 -7.11 -12.34
CA VAL A 258 17.49 -7.84 -11.79
C VAL A 258 16.58 -8.27 -12.95
N THR A 259 16.21 -9.55 -12.96
CA THR A 259 15.25 -10.14 -13.92
C THR A 259 13.83 -9.71 -13.55
N ALA A 260 13.45 -9.89 -12.29
CA ALA A 260 12.09 -9.59 -11.81
C ALA A 260 12.05 -9.55 -10.28
N LEU A 261 11.16 -8.72 -9.73
CA LEU A 261 10.74 -8.79 -8.32
C LEU A 261 9.54 -9.73 -8.22
N LEU A 262 9.54 -10.59 -7.21
CA LEU A 262 8.52 -11.63 -6.97
C LEU A 262 7.76 -11.28 -5.69
N LEU A 263 6.43 -11.43 -5.71
CA LEU A 263 5.55 -11.29 -4.52
C LEU A 263 4.52 -12.40 -4.55
N THR A 264 4.41 -13.16 -3.45
CA THR A 264 3.64 -14.42 -3.38
C THR A 264 2.59 -14.35 -2.26
N SER A 265 2.16 -13.15 -1.89
CA SER A 265 1.33 -12.88 -0.70
C SER A 265 -0.08 -13.46 -0.85
N ALA A 266 -0.68 -13.87 0.27
CA ALA A 266 -2.10 -14.28 0.39
C ALA A 266 -2.98 -13.01 0.30
N PHE A 267 -2.48 -11.88 0.82
CA PHE A 267 -3.15 -10.56 0.74
C PHE A 267 -2.13 -9.46 1.03
N GLU A 268 -2.45 -8.23 0.64
CA GLU A 268 -1.61 -7.01 0.79
C GLU A 268 -2.52 -5.82 1.10
N GLY A 269 -2.09 -4.94 2.02
CA GLY A 269 -2.75 -3.65 2.26
C GLY A 269 -2.60 -2.76 1.03
N PHE A 270 -1.36 -2.56 0.60
CA PHE A 270 -1.00 -1.96 -0.70
C PHE A 270 0.45 -2.31 -1.01
N PRO A 271 0.73 -2.97 -2.16
CA PRO A 271 2.08 -3.43 -2.46
C PRO A 271 2.94 -2.32 -3.07
N MET A 272 3.33 -1.32 -2.26
CA MET A 272 4.20 -0.19 -2.61
C MET A 272 5.49 -0.71 -3.19
N THR A 273 5.94 -1.87 -2.74
CA THR A 273 7.24 -2.42 -3.20
C THR A 273 7.19 -2.67 -4.70
N LEU A 274 6.07 -3.22 -5.16
CA LEU A 274 5.88 -3.49 -6.60
C LEU A 274 6.00 -2.20 -7.39
N LEU A 275 5.31 -1.18 -6.87
CA LEU A 275 5.28 0.17 -7.50
C LEU A 275 6.71 0.69 -7.62
N GLU A 276 7.44 0.56 -6.52
CA GLU A 276 8.83 1.04 -6.41
C GLU A 276 9.68 0.36 -7.50
N ALA A 277 9.49 -0.95 -7.58
CA ALA A 277 10.24 -1.80 -8.52
C ALA A 277 9.97 -1.30 -9.95
N MET A 278 8.69 -1.06 -10.23
CA MET A 278 8.29 -0.66 -11.57
C MET A 278 8.86 0.71 -11.90
N SER A 279 8.90 1.59 -10.92
CA SER A 279 9.47 2.93 -11.08
C SER A 279 10.96 2.82 -11.46
N TYR A 280 11.65 1.73 -11.12
CA TYR A 280 13.07 1.50 -11.51
C TYR A 280 13.16 0.64 -12.78
N GLY A 281 12.03 0.25 -13.37
CA GLY A 281 11.95 -0.51 -14.62
C GLY A 281 12.09 -2.01 -14.39
N ILE A 282 11.89 -2.47 -13.16
CA ILE A 282 11.96 -3.91 -12.79
C ILE A 282 10.59 -4.54 -12.99
N PRO A 283 10.45 -5.58 -13.85
CA PRO A 283 9.17 -6.26 -14.01
C PRO A 283 8.82 -7.03 -12.73
N CYS A 284 7.53 -7.21 -12.46
CA CYS A 284 7.01 -7.84 -11.22
C CYS A 284 6.12 -9.03 -11.55
N ILE A 285 6.40 -10.18 -10.94
CA ILE A 285 5.51 -11.37 -10.98
C ILE A 285 4.91 -11.53 -9.58
N SER A 286 3.59 -11.38 -9.48
CA SER A 286 2.84 -11.30 -8.20
C SER A 286 1.63 -12.23 -8.22
N SER A 287 1.25 -12.77 -7.07
CA SER A 287 -0.09 -13.35 -6.84
C SER A 287 -1.12 -12.25 -7.13
N ASP A 288 -2.25 -12.61 -7.72
CA ASP A 288 -3.38 -11.70 -7.99
C ASP A 288 -4.24 -11.63 -6.72
N CYS A 289 -3.71 -11.04 -5.66
CA CYS A 289 -4.30 -11.06 -4.30
C CYS A 289 -5.00 -9.73 -4.01
N MET A 290 -5.91 -9.73 -3.04
CA MET A 290 -6.53 -8.52 -2.46
C MET A 290 -5.46 -7.79 -1.65
N SER A 291 -5.06 -6.56 -2.00
CA SER A 291 -5.23 -5.87 -3.28
C SER A 291 -3.98 -5.02 -3.47
N GLY A 292 -3.77 -4.29 -4.58
CA GLY A 292 -4.18 -4.59 -5.94
C GLY A 292 -2.94 -4.62 -6.84
N PRO A 293 -2.13 -5.69 -6.78
CA PRO A 293 -1.19 -6.01 -7.86
C PRO A 293 -1.81 -5.91 -9.27
N ARG A 294 -3.09 -6.26 -9.41
CA ARG A 294 -3.78 -6.26 -10.74
C ARG A 294 -4.00 -4.82 -11.24
N ASP A 295 -3.87 -3.83 -10.36
CA ASP A 295 -3.99 -2.39 -10.74
C ASP A 295 -2.67 -1.87 -11.32
N MET A 296 -1.55 -2.54 -11.01
CA MET A 296 -0.18 -2.10 -11.39
C MET A 296 0.36 -2.97 -12.53
N ILE A 297 0.22 -4.30 -12.41
CA ILE A 297 0.84 -5.26 -13.37
C ILE A 297 -0.04 -5.35 -14.61
N LYS A 298 0.58 -5.17 -15.78
CA LYS A 298 -0.04 -5.36 -17.11
C LYS A 298 0.59 -6.61 -17.71
N PRO A 299 -0.08 -7.79 -17.61
CA PRO A 299 0.48 -9.05 -18.06
C PRO A 299 1.16 -8.93 -19.44
N GLY A 300 2.41 -9.40 -19.53
CA GLY A 300 3.19 -9.43 -20.77
C GLY A 300 3.93 -8.13 -21.03
N LEU A 301 3.66 -7.07 -20.27
CA LEU A 301 4.24 -5.72 -20.50
C LEU A 301 5.22 -5.35 -19.37
N ASN A 302 4.79 -5.43 -18.11
CA ASN A 302 5.64 -5.05 -16.94
C ASN A 302 5.67 -6.19 -15.92
N GLY A 303 5.27 -7.40 -16.30
CA GLY A 303 5.30 -8.58 -15.42
C GLY A 303 4.08 -9.48 -15.62
N GLU A 304 3.70 -10.23 -14.59
CA GLU A 304 2.61 -11.23 -14.67
C GLU A 304 1.87 -11.32 -13.32
N LEU A 305 0.64 -11.82 -13.39
CA LEU A 305 -0.21 -12.16 -12.22
C LEU A 305 -0.52 -13.65 -12.30
N TYR A 306 -0.56 -14.33 -11.15
CA TYR A 306 -1.08 -15.71 -11.06
C TYR A 306 -2.21 -15.74 -10.02
N THR A 307 -3.26 -16.51 -10.32
CA THR A 307 -4.39 -16.82 -9.43
C THR A 307 -3.84 -17.27 -8.08
N PRO A 308 -4.38 -16.75 -6.95
CA PRO A 308 -3.99 -17.25 -5.64
C PRO A 308 -3.94 -18.78 -5.63
N GLY A 309 -2.84 -19.33 -5.10
CA GLY A 309 -2.65 -20.80 -4.95
C GLY A 309 -2.14 -21.48 -6.21
N ALA A 310 -2.16 -20.83 -7.38
CA ALA A 310 -1.81 -21.45 -8.68
C ALA A 310 -0.28 -21.45 -8.85
N ILE A 311 0.42 -22.28 -8.08
CA ILE A 311 1.91 -22.31 -8.08
C ILE A 311 2.41 -22.77 -9.43
N ASP A 312 1.66 -23.60 -10.14
CA ASP A 312 2.07 -24.06 -11.48
C ASP A 312 2.16 -22.85 -12.43
N ASP A 313 1.17 -21.99 -12.34
CA ASP A 313 1.12 -20.78 -13.18
C ASP A 313 2.33 -19.88 -12.87
N PHE A 314 2.62 -19.75 -11.59
CA PHE A 314 3.75 -18.95 -11.11
C PHE A 314 5.05 -19.49 -11.72
N VAL A 315 5.18 -20.80 -11.65
CA VAL A 315 6.36 -21.52 -12.18
C VAL A 315 6.51 -21.26 -13.67
N GLY A 316 5.41 -21.33 -14.38
CA GLY A 316 5.36 -21.07 -15.82
C GLY A 316 5.87 -19.67 -16.13
N HIS A 317 5.36 -18.72 -15.34
CA HIS A 317 5.72 -17.30 -15.48
C HIS A 317 7.23 -17.14 -15.29
N LEU A 318 7.75 -17.81 -14.27
CA LEU A 318 9.18 -17.77 -13.94
C LEU A 318 10.01 -18.28 -15.12
N ASN A 319 9.55 -19.40 -15.64
CA ASN A 319 10.30 -20.16 -16.67
C ASN A 319 10.39 -19.31 -17.93
N ARG A 320 9.27 -18.67 -18.26
CA ARG A 320 9.22 -17.86 -19.49
C ARG A 320 10.15 -16.66 -19.30
N VAL A 321 10.19 -16.08 -18.13
CA VAL A 321 11.09 -14.90 -17.99
C VAL A 321 12.53 -15.36 -18.01
N ILE A 322 12.81 -16.53 -17.49
CA ILE A 322 14.21 -17.01 -17.44
C ILE A 322 14.67 -17.29 -18.86
N SER A 323 13.80 -17.89 -19.67
CA SER A 323 14.23 -18.36 -20.99
C SER A 323 14.27 -17.20 -21.97
N GLY A 324 13.49 -16.13 -21.75
CA GLY A 324 13.30 -15.05 -22.73
C GLY A 324 12.12 -15.32 -23.66
N GLU A 325 11.36 -16.40 -23.44
CA GLU A 325 10.09 -16.65 -24.18
C GLU A 325 9.20 -15.41 -24.02
N VAL A 326 9.18 -14.84 -22.81
CA VAL A 326 8.58 -13.51 -22.53
C VAL A 326 9.72 -12.57 -22.11
N LYS A 327 9.79 -11.40 -22.76
CA LYS A 327 10.79 -10.34 -22.45
C LYS A 327 10.04 -9.08 -22.02
N TYR A 328 10.42 -8.50 -20.89
CA TYR A 328 9.92 -7.21 -20.39
C TYR A 328 11.01 -6.18 -20.65
N GLN A 329 10.65 -5.08 -21.32
CA GLN A 329 11.59 -4.00 -21.71
C GLN A 329 11.69 -3.02 -20.55
N HIS A 330 12.78 -3.11 -19.77
CA HIS A 330 12.98 -2.34 -18.52
C HIS A 330 12.87 -0.83 -18.82
N ASP A 331 13.36 -0.39 -19.98
CA ASP A 331 13.43 1.05 -20.35
C ASP A 331 12.04 1.67 -20.48
N ILE A 332 10.98 0.88 -20.75
CA ILE A 332 9.61 1.43 -20.93
C ILE A 332 8.71 1.10 -19.74
N ILE A 333 9.14 0.23 -18.81
CA ILE A 333 8.29 -0.22 -17.67
C ILE A 333 7.89 0.97 -16.79
N PRO A 334 8.79 1.94 -16.48
CA PRO A 334 8.39 3.10 -15.66
C PRO A 334 7.20 3.88 -16.24
N GLY A 335 7.05 3.89 -17.57
CA GLY A 335 5.94 4.55 -18.27
C GLY A 335 4.62 3.82 -18.13
N THR A 336 4.64 2.55 -17.69
CA THR A 336 3.43 1.68 -17.57
C THR A 336 2.67 1.97 -16.27
N ILE A 337 3.20 2.80 -15.36
CA ILE A 337 2.54 3.14 -14.07
C ILE A 337 2.34 4.66 -13.99
N GLU A 338 2.06 5.28 -15.15
CA GLU A 338 1.86 6.75 -15.32
C GLU A 338 0.97 7.30 -14.21
N ARG A 339 -0.17 6.67 -13.96
CA ARG A 339 -1.25 7.24 -13.08
C ARG A 339 -0.86 7.18 -11.60
N PHE A 340 0.25 6.52 -11.25
CA PHE A 340 0.73 6.39 -9.84
C PHE A 340 1.77 7.47 -9.49
N TYR A 341 2.31 8.19 -10.46
CA TYR A 341 3.41 9.16 -10.21
C TYR A 341 2.85 10.39 -9.51
N ASP A 342 3.67 10.97 -8.64
CA ASP A 342 3.21 12.01 -7.65
C ASP A 342 2.18 12.97 -8.26
N VAL A 343 2.57 13.69 -9.30
CA VAL A 343 1.82 14.92 -9.70
C VAL A 343 0.44 14.49 -10.24
N LEU A 344 0.50 13.51 -11.14
CA LEU A 344 -0.74 13.00 -11.76
C LEU A 344 -1.63 12.40 -10.69
N TYR A 345 -1.01 11.68 -9.73
CA TYR A 345 -1.78 11.03 -8.66
C TYR A 345 -2.51 12.12 -7.88
N PHE A 346 -1.80 13.18 -7.54
CA PHE A 346 -2.40 14.23 -6.71
C PHE A 346 -3.51 14.92 -7.47
N LYS A 347 -3.31 15.12 -8.77
CA LYS A 347 -4.34 15.73 -9.65
C LYS A 347 -5.61 14.88 -9.56
N ASN A 348 -5.41 13.58 -9.70
CA ASN A 348 -6.54 12.62 -9.72
C ASN A 348 -7.27 12.66 -8.39
N PHE A 349 -6.51 12.74 -7.33
CA PHE A 349 -7.02 12.73 -5.94
C PHE A 349 -7.90 13.96 -5.71
N ASN A 350 -7.36 15.09 -6.10
CA ASN A 350 -8.04 16.39 -5.97
C ASN A 350 -9.33 16.33 -6.77
N ASN A 351 -9.26 15.79 -7.99
CA ASN A 351 -10.46 15.71 -8.82
C ASN A 351 -11.54 14.87 -8.16
N ALA A 352 -11.12 13.75 -7.58
CA ALA A 352 -11.99 12.82 -6.89
C ALA A 352 -12.67 13.50 -5.73
N ILE A 353 -11.91 14.32 -4.99
CA ILE A 353 -12.52 15.12 -3.89
C ILE A 353 -13.54 16.19 -4.36
N PHE A 354 -13.13 17.11 -5.24
CA PHE A 354 -13.90 18.33 -5.57
C PHE A 354 -14.95 18.06 -6.66
N SER A 355 -14.90 16.89 -7.33
CA SER A 355 -15.91 16.47 -8.35
C SER A 355 -17.23 16.12 -7.67
N LYS A 356 -17.20 15.69 -6.40
CA LYS A 356 -18.38 15.19 -5.65
C LYS A 356 -19.12 16.35 -4.96
N LEU A 357 -18.49 17.52 -4.86
CA LEU A 357 -19.06 18.73 -4.19
C LEU A 357 -19.82 19.56 -5.23
#